data_8GMM
#
_entry.id   8GMM
#
_cell.length_a   46.618
_cell.length_b   76.663
_cell.length_c   62.264
_cell.angle_alpha   90.00
_cell.angle_beta   94.33
_cell.angle_gamma   90.00
#
_symmetry.space_group_name_H-M   'P 1 21 1'
#
loop_
_entity.id
_entity.type
_entity.pdbx_description
1 polymer Hemophilin
2 non-polymer 'HEME B/C'
3 water water
#
_entity_poly.entity_id   1
_entity_poly.type   'polypeptide(L)'
_entity_poly.pdbx_seq_one_letter_code
;ADIVGAASPVTDAELYVAVGESQVNGGPHQAGKAGIGVGTVSNAKPVDFQGLSLYSGTTTVNGTAVRTLAMPITGAPGSH
AGMGHFNFVKVGSGDVWFGEWSKDGAAGGFNNRQVYFVGDRTGTTLPAGVATYSVAGLNKFNGSNLLSGTFRANFGSGTL
QGGLTGGGLSVNVNASINSANASFAGSATANGTVAGTTQGQFFGANAATLAGIATFAGNSQYDTAFGGSKNELALVPRGS
SAHHHHHHHHHH
;
_entity_poly.pdbx_strand_id   A,B
#
# COMPACT_ATOMS: atom_id res chain seq x y z
N ALA A 1 12.57 12.53 -14.14
CA ALA A 1 12.54 11.39 -13.18
C ALA A 1 11.26 11.47 -12.34
N ASP A 2 10.94 10.37 -11.66
CA ASP A 2 9.75 10.27 -10.82
C ASP A 2 10.20 9.62 -9.52
N ILE A 3 10.83 10.42 -8.67
CA ILE A 3 11.52 9.90 -7.49
C ILE A 3 10.53 9.84 -6.35
N VAL A 4 10.48 8.70 -5.69
CA VAL A 4 9.62 8.53 -4.54
C VAL A 4 10.40 7.82 -3.45
N GLY A 5 10.08 8.12 -2.20
CA GLY A 5 10.79 7.49 -1.11
C GLY A 5 10.26 7.99 0.20
N ALA A 6 10.84 7.46 1.27
CA ALA A 6 10.45 7.83 2.62
C ALA A 6 11.59 7.51 3.57
N ALA A 7 11.65 8.29 4.65
CA ALA A 7 12.58 8.05 5.74
C ALA A 7 11.79 7.98 7.03
N SER A 8 12.30 7.21 7.98
CA SER A 8 11.74 7.20 9.32
C SER A 8 11.97 8.56 9.97
N PRO A 9 11.33 8.83 11.12
CA PRO A 9 11.36 10.19 11.67
C PRO A 9 12.75 10.70 12.01
N VAL A 10 12.97 11.99 11.76
CA VAL A 10 14.20 12.63 12.20
C VAL A 10 14.27 12.61 13.72
N THR A 11 15.48 12.43 14.25
CA THR A 11 15.72 12.42 15.68
C THR A 11 16.47 13.65 16.18
N ASP A 12 16.81 14.58 15.30
CA ASP A 12 17.66 15.71 15.65
C ASP A 12 17.50 16.77 14.56
N ALA A 13 17.66 18.04 14.95
CA ALA A 13 17.47 19.11 14.00
C ALA A 13 18.63 19.23 12.99
N GLU A 14 19.77 18.59 13.25
CA GLU A 14 20.88 18.64 12.32
C GLU A 14 21.36 17.24 11.94
N LEU A 15 21.30 16.30 12.89
CA LEU A 15 21.78 14.94 12.64
C LEU A 15 20.62 14.09 12.12
N TYR A 16 20.32 14.26 10.83
CA TYR A 16 19.21 13.55 10.22
C TYR A 16 19.45 13.44 8.72
N VAL A 17 18.67 12.56 8.07
CA VAL A 17 18.69 12.41 6.63
C VAL A 17 17.27 12.58 6.09
N ALA A 18 17.20 12.94 4.81
CA ALA A 18 15.94 13.04 4.11
C ALA A 18 16.18 12.57 2.68
N VAL A 19 15.21 11.85 2.10
CA VAL A 19 15.36 11.33 0.75
C VAL A 19 14.45 12.08 -0.22
N GLY A 20 14.82 12.02 -1.49
CA GLY A 20 14.12 12.73 -2.54
C GLY A 20 14.97 12.80 -3.80
N GLU A 21 14.44 13.52 -4.81
CA GLU A 21 15.20 13.68 -6.05
C GLU A 21 16.46 14.48 -5.77
N SER A 22 17.61 13.96 -6.24
CA SER A 22 18.87 14.65 -6.00
C SER A 22 18.88 16.01 -6.68
N GLN A 23 19.55 16.98 -6.04
CA GLN A 23 19.57 18.35 -6.52
C GLN A 23 20.95 18.89 -6.80
N VAL A 24 22.01 18.22 -6.36
CA VAL A 24 23.34 18.78 -6.42
C VAL A 24 23.99 18.37 -7.74
N ASN A 25 24.40 19.36 -8.53
CA ASN A 25 25.30 19.16 -9.67
C ASN A 25 26.66 19.71 -9.26
N GLY A 26 27.54 18.83 -8.79
CA GLY A 26 28.87 19.23 -8.37
C GLY A 26 29.65 18.03 -7.85
N GLY A 27 30.97 18.04 -7.99
CA GLY A 27 31.76 16.87 -7.61
C GLY A 27 31.26 15.62 -8.34
N PRO A 28 31.08 14.52 -7.62
CA PRO A 28 30.52 13.30 -8.23
C PRO A 28 29.00 13.31 -8.32
N HIS A 29 28.35 14.37 -7.88
CA HIS A 29 26.90 14.37 -7.71
C HIS A 29 26.21 14.88 -8.96
N GLN A 30 25.09 14.26 -9.29
CA GLN A 30 24.28 14.66 -10.43
C GLN A 30 22.84 14.76 -9.99
N ALA A 31 22.18 15.84 -10.42
CA ALA A 31 20.80 16.06 -10.05
C ALA A 31 19.88 15.17 -10.88
N GLY A 32 18.67 14.98 -10.38
CA GLY A 32 17.63 14.29 -11.12
C GLY A 32 17.53 12.80 -10.90
N LYS A 33 18.14 12.26 -9.84
CA LYS A 33 18.19 10.84 -9.54
C LYS A 33 17.70 10.58 -8.10
N ALA A 34 17.59 9.30 -7.76
CA ALA A 34 17.25 8.90 -6.39
C ALA A 34 18.36 9.35 -5.43
N GLY A 35 17.99 10.10 -4.38
CA GLY A 35 18.98 10.80 -3.60
C GLY A 35 18.67 10.87 -2.12
N ILE A 36 19.67 11.36 -1.39
CA ILE A 36 19.60 11.54 0.06
C ILE A 36 20.41 12.78 0.44
N GLY A 37 19.92 13.49 1.45
CA GLY A 37 20.64 14.60 2.03
C GLY A 37 20.77 14.37 3.52
N VAL A 38 21.82 14.95 4.09
CA VAL A 38 22.08 14.88 5.53
C VAL A 38 22.12 16.30 6.07
N GLY A 39 21.53 16.50 7.26
CA GLY A 39 21.35 17.85 7.76
C GLY A 39 22.64 18.59 8.05
N THR A 40 23.73 17.86 8.16
CA THR A 40 25.04 18.44 8.45
C THR A 40 25.78 18.91 7.21
N VAL A 41 25.21 18.75 6.02
CA VAL A 41 25.85 19.20 4.79
C VAL A 41 24.79 19.94 4.00
N SER A 42 24.92 21.27 3.96
CA SER A 42 24.04 22.16 3.21
C SER A 42 22.58 21.88 3.51
N ASN A 43 22.28 21.75 4.80
CA ASN A 43 20.91 21.56 5.29
C ASN A 43 20.16 20.51 4.46
N ALA A 44 20.84 19.37 4.25
CA ALA A 44 20.26 18.17 3.67
C ALA A 44 19.87 18.31 2.21
N LYS A 45 20.52 19.21 1.47
CA LYS A 45 20.33 19.21 0.03
C LYS A 45 20.73 17.83 -0.51
N PRO A 46 19.87 17.13 -1.25
CA PRO A 46 20.14 15.72 -1.54
C PRO A 46 21.07 15.51 -2.73
N VAL A 47 21.89 14.46 -2.61
CA VAL A 47 22.78 14.00 -3.66
C VAL A 47 22.34 12.59 -4.04
N ASP A 48 22.82 12.13 -5.18
CA ASP A 48 22.36 10.87 -5.73
C ASP A 48 23.14 9.69 -5.17
N PHE A 49 22.41 8.60 -4.91
CA PHE A 49 23.06 7.37 -4.47
C PHE A 49 24.00 6.82 -5.54
N GLN A 50 23.61 6.90 -6.81
CA GLN A 50 24.43 6.36 -7.87
C GLN A 50 25.86 6.87 -7.77
N GLY A 51 26.01 8.20 -7.59
CA GLY A 51 27.32 8.81 -7.55
C GLY A 51 28.14 8.41 -6.34
N LEU A 52 27.48 8.03 -5.24
CA LEU A 52 28.18 7.55 -4.06
C LEU A 52 28.81 6.17 -4.27
N SER A 53 28.31 5.40 -5.25
CA SER A 53 28.73 4.00 -5.41
C SER A 53 30.24 3.85 -5.53
N LEU A 54 30.88 4.64 -6.41
CA LEU A 54 32.29 4.45 -6.69
C LEU A 54 33.17 4.85 -5.51
N TYR A 55 32.59 5.43 -4.46
CA TYR A 55 33.34 5.85 -3.29
C TYR A 55 33.01 5.01 -2.05
N SER A 56 32.08 4.06 -2.17
CA SER A 56 31.59 3.32 -1.01
C SER A 56 32.26 1.95 -0.93
N GLY A 57 32.44 1.47 0.30
CA GLY A 57 32.86 0.10 0.49
C GLY A 57 31.74 -0.87 0.16
N THR A 58 32.09 -2.16 0.17
CA THR A 58 31.14 -3.23 -0.09
C THR A 58 31.34 -4.38 0.89
N THR A 59 30.25 -4.83 1.50
CA THR A 59 30.21 -6.06 2.29
C THR A 59 29.13 -6.93 1.66
N THR A 60 29.52 -8.04 1.06
CA THR A 60 28.56 -8.90 0.38
C THR A 60 28.15 -10.03 1.32
N VAL A 61 26.84 -10.19 1.48
CA VAL A 61 26.26 -11.17 2.40
C VAL A 61 25.09 -11.84 1.68
N ASN A 62 25.13 -13.17 1.62
CA ASN A 62 24.04 -13.96 1.03
C ASN A 62 23.59 -13.37 -0.32
N GLY A 63 24.56 -12.96 -1.14
CA GLY A 63 24.27 -12.38 -2.43
C GLY A 63 23.79 -10.94 -2.42
N THR A 64 23.93 -10.22 -1.31
CA THR A 64 23.48 -8.83 -1.22
C THR A 64 24.71 -7.97 -1.01
N ALA A 65 24.91 -7.01 -1.90
CA ALA A 65 26.07 -6.13 -1.83
C ALA A 65 25.70 -4.91 -1.00
N VAL A 66 26.03 -4.95 0.28
CA VAL A 66 25.75 -3.83 1.17
C VAL A 66 26.86 -2.81 0.99
N ARG A 67 26.47 -1.59 0.61
CA ARG A 67 27.42 -0.51 0.41
C ARG A 67 27.54 0.28 1.71
N THR A 68 28.77 0.71 2.02
CA THR A 68 29.06 1.41 3.26
CA THR A 68 29.04 1.42 3.26
C THR A 68 29.84 2.68 2.95
N LEU A 69 29.45 3.78 3.58
CA LEU A 69 30.06 5.08 3.30
C LEU A 69 30.17 5.88 4.58
N ALA A 70 31.38 6.36 4.86
CA ALA A 70 31.66 7.22 5.98
C ALA A 70 33.02 7.85 5.74
N MET A 71 33.24 9.01 6.34
CA MET A 71 34.53 9.67 6.25
C MET A 71 35.61 8.83 6.92
N PRO A 72 36.88 8.94 6.50
CA PRO A 72 37.45 9.85 5.48
C PRO A 72 37.33 9.30 4.06
N ILE A 73 37.20 10.21 3.10
CA ILE A 73 37.11 9.86 1.68
C ILE A 73 37.98 10.82 0.89
N THR A 74 38.93 10.29 0.13
CA THR A 74 39.79 11.13 -0.69
C THR A 74 38.96 12.00 -1.63
N GLY A 75 39.17 13.31 -1.56
CA GLY A 75 38.50 14.27 -2.41
C GLY A 75 37.19 14.81 -1.86
N ALA A 76 36.78 14.39 -0.66
CA ALA A 76 35.54 14.92 -0.09
C ALA A 76 35.83 16.25 0.60
N PRO A 77 35.00 17.28 0.37
CA PRO A 77 35.27 18.59 0.99
C PRO A 77 35.15 18.53 2.50
N GLY A 78 35.83 19.47 3.16
CA GLY A 78 35.74 19.57 4.61
C GLY A 78 34.32 19.78 5.10
N SER A 79 33.47 20.36 4.26
CA SER A 79 32.06 20.51 4.62
C SER A 79 31.41 19.17 4.89
N HIS A 80 32.03 18.08 4.44
CA HIS A 80 31.45 16.75 4.58
C HIS A 80 31.86 16.05 5.86
N ALA A 81 32.58 16.72 6.76
CA ALA A 81 33.13 16.06 7.94
C ALA A 81 32.07 15.33 8.75
N GLY A 82 30.87 15.90 8.85
CA GLY A 82 29.82 15.31 9.66
C GLY A 82 28.78 14.57 8.87
N MET A 83 29.18 13.99 7.74
CA MET A 83 28.18 13.32 6.91
C MET A 83 27.57 12.10 7.59
N GLY A 84 28.27 11.49 8.55
CA GLY A 84 27.72 10.31 9.20
C GLY A 84 28.07 9.02 8.47
N HIS A 85 27.30 7.98 8.78
CA HIS A 85 27.55 6.60 8.32
C HIS A 85 26.34 6.05 7.60
N PHE A 86 26.52 5.64 6.36
CA PHE A 86 25.45 5.11 5.52
C PHE A 86 25.70 3.62 5.26
N ASN A 87 24.65 2.81 5.40
CA ASN A 87 24.61 1.46 4.84
C ASN A 87 23.47 1.40 3.84
N PHE A 88 23.75 0.98 2.60
CA PHE A 88 22.69 1.02 1.60
C PHE A 88 22.92 -0.05 0.54
N VAL A 89 21.81 -0.40 -0.12
CA VAL A 89 21.76 -1.48 -1.09
C VAL A 89 21.05 -0.96 -2.33
N LYS A 90 21.65 -1.22 -3.49
CA LYS A 90 20.99 -0.98 -4.77
C LYS A 90 20.12 -2.17 -5.09
N VAL A 91 18.88 -1.92 -5.49
CA VAL A 91 17.94 -2.99 -5.77
C VAL A 91 17.83 -3.15 -7.28
N GLY A 92 18.37 -4.24 -7.79
CA GLY A 92 18.26 -4.49 -9.21
C GLY A 92 19.17 -3.59 -10.01
N SER A 93 18.87 -3.50 -11.31
CA SER A 93 19.70 -2.77 -12.25
C SER A 93 19.30 -1.31 -12.40
N GLY A 94 18.19 -0.89 -11.79
CA GLY A 94 17.70 0.46 -11.89
C GLY A 94 18.07 1.31 -10.69
N ASP A 95 17.47 2.51 -10.65
CA ASP A 95 17.80 3.55 -9.69
C ASP A 95 16.88 3.42 -8.46
N VAL A 96 17.09 2.32 -7.71
CA VAL A 96 16.27 1.95 -6.56
C VAL A 96 17.19 1.59 -5.40
N TRP A 97 16.88 2.11 -4.21
CA TRP A 97 17.80 2.03 -3.08
C TRP A 97 17.04 1.88 -1.77
N PHE A 98 17.63 1.17 -0.82
CA PHE A 98 17.17 1.20 0.56
C PHE A 98 18.39 1.23 1.47
N GLY A 99 18.21 1.72 2.69
CA GLY A 99 19.35 1.78 3.58
C GLY A 99 19.03 2.45 4.90
N GLU A 100 20.10 2.67 5.66
CA GLU A 100 20.01 3.28 6.97
C GLU A 100 21.16 4.26 7.10
N TRP A 101 21.05 5.12 8.10
CA TRP A 101 22.03 6.15 8.39
C TRP A 101 22.11 6.33 9.89
N SER A 102 23.29 6.71 10.36
CA SER A 102 23.45 7.09 11.76
C SER A 102 24.62 8.05 11.85
N LYS A 103 24.73 8.69 13.00
CA LYS A 103 25.80 9.67 13.24
C LYS A 103 27.17 9.00 13.26
N ASP A 104 27.28 7.83 13.89
CA ASP A 104 28.57 7.27 14.23
C ASP A 104 28.71 5.80 13.90
N GLY A 105 27.70 5.19 13.28
CA GLY A 105 27.86 3.83 12.84
C GLY A 105 28.02 2.84 14.00
N ALA A 106 28.55 1.67 13.65
CA ALA A 106 28.61 0.57 14.59
C ALA A 106 29.49 0.92 15.79
N ALA A 107 30.62 1.60 15.56
CA ALA A 107 31.53 1.90 16.65
C ALA A 107 30.89 2.82 17.70
N GLY A 108 29.99 3.70 17.29
CA GLY A 108 29.36 4.62 18.21
C GLY A 108 27.99 4.22 18.71
N GLY A 109 27.45 3.11 18.23
CA GLY A 109 26.14 2.66 18.66
C GLY A 109 24.98 3.13 17.78
N PHE A 110 25.25 3.52 16.54
CA PHE A 110 24.19 3.89 15.60
C PHE A 110 23.27 4.95 16.20
N ASN A 111 23.86 6.03 16.69
CA ASN A 111 23.06 7.13 17.25
C ASN A 111 22.35 7.88 16.14
N ASN A 112 21.20 8.46 16.48
CA ASN A 112 20.38 9.25 15.56
C ASN A 112 19.95 8.42 14.35
N ARG A 113 19.68 7.15 14.55
CA ARG A 113 19.49 6.23 13.43
C ARG A 113 18.18 6.49 12.68
N GLN A 114 18.25 6.41 11.35
CA GLN A 114 17.07 6.43 10.50
C GLN A 114 17.18 5.35 9.44
N VAL A 115 16.04 4.91 8.93
CA VAL A 115 15.94 4.01 7.79
C VAL A 115 15.25 4.75 6.67
N TYR A 116 15.47 4.29 5.43
CA TYR A 116 14.91 4.96 4.27
C TYR A 116 14.88 4.00 3.08
N PHE A 117 14.01 4.33 2.11
CA PHE A 117 14.10 3.83 0.75
C PHE A 117 13.83 5.01 -0.20
N VAL A 118 14.33 4.91 -1.43
CA VAL A 118 14.14 5.94 -2.44
C VAL A 118 14.50 5.33 -3.79
N GLY A 119 13.71 5.66 -4.81
CA GLY A 119 13.97 5.16 -6.15
C GLY A 119 13.20 5.92 -7.20
N ASP A 120 13.62 5.70 -8.45
CA ASP A 120 12.97 6.27 -9.62
C ASP A 120 11.85 5.34 -10.07
N ARG A 121 10.62 5.82 -9.96
CA ARG A 121 9.42 5.06 -10.33
C ARG A 121 9.14 5.06 -11.83
N THR A 122 9.89 5.83 -12.64
CA THR A 122 9.64 5.90 -14.08
C THR A 122 9.52 4.50 -14.70
N GLY A 123 8.47 4.30 -15.47
CA GLY A 123 8.25 3.04 -16.14
C GLY A 123 7.69 1.93 -15.28
N THR A 124 7.31 2.20 -14.05
CA THR A 124 6.78 1.13 -13.21
C THR A 124 5.40 0.71 -13.70
N THR A 125 5.19 -0.59 -13.81
CA THR A 125 3.85 -1.16 -14.03
C THR A 125 3.70 -2.37 -13.11
N LEU A 126 2.45 -2.77 -12.88
CA LEU A 126 2.19 -3.94 -12.06
C LEU A 126 1.70 -5.09 -12.93
N PRO A 127 2.21 -6.30 -12.73
CA PRO A 127 1.75 -7.43 -13.55
C PRO A 127 0.47 -8.00 -13.00
N ALA A 128 -0.11 -8.90 -13.79
CA ALA A 128 -1.23 -9.67 -13.32
C ALA A 128 -0.77 -10.77 -12.38
N GLY A 129 -1.70 -11.24 -11.57
CA GLY A 129 -1.47 -12.45 -10.81
C GLY A 129 -0.66 -12.24 -9.56
N VAL A 130 0.26 -13.19 -9.32
CA VAL A 130 1.01 -13.26 -8.09
C VAL A 130 2.49 -13.36 -8.43
N ALA A 131 3.32 -12.93 -7.49
CA ALA A 131 4.77 -13.00 -7.59
C ALA A 131 5.36 -13.06 -6.19
N THR A 132 6.59 -13.56 -6.10
CA THR A 132 7.34 -13.54 -4.85
C THR A 132 8.66 -12.82 -5.06
N TYR A 133 9.22 -12.31 -3.96
CA TYR A 133 10.40 -11.46 -3.99
C TYR A 133 11.39 -11.96 -2.95
N SER A 134 12.65 -12.04 -3.33
CA SER A 134 13.72 -12.28 -2.36
C SER A 134 14.14 -10.93 -1.81
N VAL A 135 13.93 -10.72 -0.51
CA VAL A 135 14.09 -9.40 0.11
C VAL A 135 15.19 -9.48 1.16
N ALA A 136 15.99 -8.42 1.23
CA ALA A 136 16.99 -8.26 2.25
C ALA A 136 16.62 -7.03 3.08
N GLY A 137 17.09 -7.01 4.32
CA GLY A 137 16.77 -5.92 5.22
C GLY A 137 17.97 -5.54 6.06
N LEU A 138 18.01 -4.26 6.46
CA LEU A 138 19.11 -3.70 7.23
C LEU A 138 18.58 -3.10 8.52
N ASN A 139 19.16 -3.52 9.65
CA ASN A 139 18.93 -2.88 10.94
C ASN A 139 20.26 -2.95 11.70
N LYS A 140 20.91 -1.79 11.84
CA LYS A 140 22.18 -1.68 12.53
C LYS A 140 23.16 -2.75 12.02
N PHE A 141 23.38 -2.71 10.70
CA PHE A 141 24.25 -3.68 10.04
C PHE A 141 25.66 -3.65 10.61
N ASN A 142 26.15 -4.83 10.98
CA ASN A 142 27.48 -5.01 11.54
C ASN A 142 28.32 -6.00 10.73
N GLY A 143 27.87 -6.36 9.54
CA GLY A 143 28.58 -7.30 8.70
C GLY A 143 28.01 -8.71 8.72
N SER A 144 27.29 -9.10 9.78
CA SER A 144 26.83 -10.47 9.88
C SER A 144 25.39 -10.57 10.38
N ASN A 145 24.60 -9.51 10.23
CA ASN A 145 23.24 -9.51 10.75
C ASN A 145 22.27 -8.95 9.73
N LEU A 146 22.53 -9.20 8.44
CA LEU A 146 21.56 -8.87 7.40
C LEU A 146 20.30 -9.68 7.58
N LEU A 147 19.16 -9.06 7.33
CA LEU A 147 17.90 -9.78 7.32
C LEU A 147 17.56 -10.23 5.91
N SER A 148 16.88 -11.37 5.83
CA SER A 148 16.48 -11.91 4.54
C SER A 148 15.15 -12.63 4.68
N GLY A 149 14.41 -12.70 3.58
CA GLY A 149 13.14 -13.39 3.58
C GLY A 149 12.47 -13.29 2.24
N THR A 150 11.21 -13.70 2.21
CA THR A 150 10.42 -13.74 1.00
C THR A 150 9.14 -12.93 1.21
N PHE A 151 8.82 -12.07 0.26
CA PHE A 151 7.54 -11.37 0.24
C PHE A 151 6.69 -11.98 -0.87
N ARG A 152 5.38 -12.05 -0.61
CA ARG A 152 4.40 -12.59 -1.55
C ARG A 152 3.45 -11.47 -1.92
N ALA A 153 3.38 -11.18 -3.21
CA ALA A 153 2.50 -10.15 -3.74
C ALA A 153 1.36 -10.82 -4.51
N ASN A 154 0.13 -10.44 -4.19
CA ASN A 154 -1.01 -10.81 -5.00
C ASN A 154 -1.55 -9.53 -5.63
N PHE A 155 -1.22 -9.30 -6.89
CA PHE A 155 -1.62 -8.06 -7.54
C PHE A 155 -3.10 -8.06 -7.89
N GLY A 156 -3.70 -9.24 -8.09
CA GLY A 156 -5.14 -9.30 -8.33
C GLY A 156 -5.96 -8.90 -7.12
N SER A 157 -5.48 -9.21 -5.92
CA SER A 157 -6.15 -8.90 -4.67
C SER A 157 -5.59 -7.69 -3.93
N GLY A 158 -4.44 -7.17 -4.36
CA GLY A 158 -3.88 -5.97 -3.75
C GLY A 158 -3.23 -6.21 -2.41
N THR A 159 -2.55 -7.33 -2.22
CA THR A 159 -1.96 -7.68 -0.94
C THR A 159 -0.46 -7.93 -1.10
N LEU A 160 0.29 -7.55 -0.07
CA LEU A 160 1.72 -7.83 0.03
C LEU A 160 2.01 -8.30 1.45
N GLN A 161 2.53 -9.51 1.58
CA GLN A 161 2.75 -10.08 2.89
C GLN A 161 4.10 -10.79 2.87
N GLY A 162 4.79 -10.74 3.98
CA GLY A 162 6.07 -11.41 4.04
C GLY A 162 6.79 -11.12 5.32
N GLY A 163 7.98 -11.70 5.42
CA GLY A 163 8.77 -11.60 6.62
C GLY A 163 10.25 -11.59 6.31
N LEU A 164 11.01 -11.02 7.22
CA LEU A 164 12.46 -10.98 7.16
C LEU A 164 12.99 -11.45 8.51
N THR A 165 14.08 -12.21 8.51
CA THR A 165 14.72 -12.61 9.76
C THR A 165 16.23 -12.50 9.63
N GLY A 166 16.88 -12.16 10.73
CA GLY A 166 18.32 -12.14 10.75
C GLY A 166 18.86 -11.51 12.02
N GLY A 167 20.00 -11.98 12.51
CA GLY A 167 20.61 -11.37 13.69
C GLY A 167 19.68 -11.29 14.89
N GLY A 168 18.82 -12.29 15.06
CA GLY A 168 17.90 -12.31 16.18
C GLY A 168 16.70 -11.41 16.05
N LEU A 169 16.47 -10.83 14.88
CA LEU A 169 15.35 -9.94 14.64
C LEU A 169 14.45 -10.52 13.55
N SER A 170 13.15 -10.43 13.76
CA SER A 170 12.14 -10.86 12.81
C SER A 170 11.19 -9.70 12.56
N VAL A 171 10.97 -9.36 11.30
CA VAL A 171 10.02 -8.32 10.91
C VAL A 171 9.06 -8.91 9.90
N ASN A 172 7.76 -8.85 10.19
CA ASN A 172 6.73 -9.24 9.24
C ASN A 172 5.95 -8.02 8.80
N VAL A 173 5.50 -8.03 7.53
CA VAL A 173 4.71 -6.93 6.98
C VAL A 173 3.43 -7.47 6.37
N ASN A 174 2.40 -6.64 6.39
CA ASN A 174 1.09 -6.96 5.85
C ASN A 174 0.55 -5.66 5.28
N ALA A 175 0.58 -5.53 3.96
CA ALA A 175 0.31 -4.27 3.31
C ALA A 175 -0.70 -4.44 2.18
N SER A 176 -1.32 -3.33 1.83
CA SER A 176 -2.22 -3.23 0.70
C SER A 176 -1.49 -2.55 -0.44
N ILE A 177 -1.66 -3.08 -1.65
CA ILE A 177 -1.04 -2.53 -2.84
C ILE A 177 -1.98 -1.50 -3.45
N ASN A 178 -1.45 -0.33 -3.73
CA ASN A 178 -2.17 0.74 -4.43
C ASN A 178 -1.76 0.73 -5.90
N SER A 179 -2.69 0.30 -6.78
CA SER A 179 -2.37 0.16 -8.20
C SER A 179 -2.35 1.49 -8.93
N ALA A 180 -2.81 2.58 -8.30
CA ALA A 180 -2.73 3.87 -8.96
C ALA A 180 -1.31 4.41 -8.96
N ASN A 181 -0.50 4.08 -7.96
CA ASN A 181 0.84 4.63 -7.90
C ASN A 181 1.88 3.56 -7.58
N ALA A 182 1.45 2.30 -7.53
CA ALA A 182 2.30 1.12 -7.28
C ALA A 182 2.95 1.15 -5.90
N SER A 183 2.45 1.99 -4.99
CA SER A 183 2.92 1.96 -3.62
C SER A 183 2.23 0.85 -2.83
N PHE A 184 2.74 0.60 -1.62
CA PHE A 184 2.05 -0.27 -0.69
C PHE A 184 2.21 0.28 0.71
N ALA A 185 1.24 -0.02 1.58
CA ALA A 185 1.22 0.48 2.94
C ALA A 185 0.41 -0.46 3.81
N GLY A 186 0.87 -0.64 5.04
CA GLY A 186 0.16 -1.47 5.98
C GLY A 186 0.82 -1.59 7.33
N SER A 187 0.66 -2.75 7.96
CA SER A 187 1.22 -3.02 9.28
C SER A 187 2.61 -3.62 9.16
N ALA A 188 3.36 -3.50 10.25
CA ALA A 188 4.59 -4.24 10.44
C ALA A 188 4.57 -4.79 11.86
N THR A 189 5.27 -5.90 12.06
CA THR A 189 5.35 -6.53 13.37
C THR A 189 6.79 -6.99 13.59
N ALA A 190 7.35 -6.66 14.74
CA ALA A 190 8.71 -7.06 15.10
C ALA A 190 8.67 -8.10 16.21
N ASN A 191 9.36 -9.21 15.98
CA ASN A 191 9.47 -10.30 16.96
C ASN A 191 8.11 -10.73 17.50
N GLY A 192 7.11 -10.70 16.62
CA GLY A 192 5.77 -11.13 16.89
C GLY A 192 4.97 -10.31 17.87
N THR A 193 5.52 -9.23 18.43
CA THR A 193 4.88 -8.56 19.56
C THR A 193 4.76 -7.04 19.37
N VAL A 194 5.66 -6.43 18.61
CA VAL A 194 5.79 -4.98 18.55
C VAL A 194 5.11 -4.51 17.26
N ALA A 195 4.07 -3.69 17.42
CA ALA A 195 3.31 -3.19 16.28
C ALA A 195 3.94 -1.93 15.70
N GLY A 196 3.95 -1.87 14.38
CA GLY A 196 4.46 -0.74 13.62
C GLY A 196 3.75 -0.67 12.29
N THR A 197 4.32 0.06 11.33
CA THR A 197 3.73 0.21 10.01
C THR A 197 4.78 -0.07 8.95
N THR A 198 4.30 -0.35 7.75
CA THR A 198 5.17 -0.51 6.60
C THR A 198 4.71 0.43 5.49
N GLN A 199 5.67 1.03 4.82
CA GLN A 199 5.40 1.78 3.59
C GLN A 199 6.49 1.46 2.59
N GLY A 200 6.09 1.27 1.35
CA GLY A 200 7.05 0.95 0.32
C GLY A 200 6.49 1.18 -1.06
N GLN A 201 7.21 0.65 -2.05
CA GLN A 201 6.98 0.96 -3.45
C GLN A 201 7.50 -0.18 -4.32
N PHE A 202 6.72 -0.56 -5.31
CA PHE A 202 7.21 -1.38 -6.42
C PHE A 202 7.83 -0.49 -7.48
N PHE A 203 8.90 -0.98 -8.11
CA PHE A 203 9.62 -0.26 -9.15
C PHE A 203 9.84 -1.15 -10.37
N GLY A 204 9.92 -0.52 -11.54
CA GLY A 204 10.27 -1.21 -12.75
C GLY A 204 9.08 -1.87 -13.42
N ALA A 205 9.29 -2.19 -14.70
CA ALA A 205 8.25 -2.87 -15.48
C ALA A 205 7.88 -4.18 -14.82
N ASN A 206 6.58 -4.42 -14.74
CA ASN A 206 6.02 -5.63 -14.15
C ASN A 206 6.51 -5.85 -12.72
N ALA A 207 6.68 -4.76 -11.97
CA ALA A 207 7.05 -4.80 -10.54
C ALA A 207 8.33 -5.62 -10.33
N ALA A 208 9.36 -5.27 -11.11
CA ALA A 208 10.61 -6.01 -11.06
C ALA A 208 11.23 -5.98 -9.67
N THR A 209 11.01 -4.91 -8.91
CA THR A 209 11.64 -4.80 -7.60
C THR A 209 10.69 -4.10 -6.64
N LEU A 210 11.08 -4.13 -5.37
CA LEU A 210 10.38 -3.37 -4.36
C LEU A 210 11.38 -2.91 -3.33
N ALA A 211 11.03 -1.82 -2.66
CA ALA A 211 11.79 -1.34 -1.53
C ALA A 211 10.81 -0.71 -0.56
N GLY A 212 11.22 -0.59 0.70
CA GLY A 212 10.33 -0.04 1.71
C GLY A 212 11.02 0.07 3.04
N ILE A 213 10.27 0.58 4.01
CA ILE A 213 10.72 0.65 5.39
C ILE A 213 9.62 0.11 6.30
N ALA A 214 10.04 -0.52 7.40
CA ALA A 214 9.15 -0.88 8.49
C ALA A 214 9.57 -0.05 9.69
N THR A 215 8.63 0.70 10.26
CA THR A 215 8.96 1.61 11.34
C THR A 215 8.03 1.35 12.51
N PHE A 216 8.55 1.61 13.70
CA PHE A 216 7.88 1.25 14.94
C PHE A 216 7.96 2.47 15.86
N ALA A 217 6.95 3.32 15.79
CA ALA A 217 6.94 4.53 16.59
C ALA A 217 6.78 4.16 18.06
N GLY A 218 7.66 4.68 18.91
CA GLY A 218 7.71 4.26 20.32
C GLY A 218 8.50 2.98 20.55
N ASN A 219 9.02 2.37 19.50
CA ASN A 219 9.85 1.16 19.60
C ASN A 219 10.85 1.19 18.46
N SER A 220 11.55 2.32 18.31
CA SER A 220 12.25 2.60 17.06
C SER A 220 13.50 1.75 16.83
N GLN A 221 13.97 0.99 17.82
CA GLN A 221 15.14 0.14 17.59
C GLN A 221 14.87 -0.89 16.51
N TYR A 222 13.60 -1.23 16.28
CA TYR A 222 13.24 -2.26 15.33
C TYR A 222 13.10 -1.73 13.91
N ASP A 223 13.26 -0.43 13.69
CA ASP A 223 13.07 0.13 12.36
C ASP A 223 14.03 -0.51 11.36
N THR A 224 13.49 -0.93 10.23
CA THR A 224 14.23 -1.76 9.27
C THR A 224 13.94 -1.26 7.86
N ALA A 225 14.99 -1.11 7.07
CA ALA A 225 14.87 -0.85 5.65
C ALA A 225 14.99 -2.15 4.86
N PHE A 226 14.25 -2.26 3.76
CA PHE A 226 14.29 -3.52 3.03
C PHE A 226 14.06 -3.29 1.53
N GLY A 227 14.45 -4.30 0.76
CA GLY A 227 14.22 -4.25 -0.67
C GLY A 227 14.66 -5.56 -1.30
N GLY A 228 14.13 -5.82 -2.50
CA GLY A 228 14.53 -7.03 -3.21
C GLY A 228 13.93 -7.10 -4.59
N SER A 229 14.35 -8.13 -5.32
CA SER A 229 13.93 -8.33 -6.71
C SER A 229 12.93 -9.47 -6.81
N LYS A 230 12.09 -9.39 -7.82
CA LYS A 230 11.13 -10.46 -8.08
C LYS A 230 11.83 -11.78 -8.37
N ASN A 231 11.27 -12.87 -7.85
CA ASN A 231 11.82 -14.19 -8.12
C ASN A 231 11.41 -14.58 -9.54
N GLU A 232 12.40 -15.03 -10.31
CA GLU A 232 12.33 -15.28 -11.76
C GLU A 232 12.56 -13.98 -12.53
N ALA B 1 -15.26 -16.66 -11.34
CA ALA B 1 -14.03 -17.43 -11.03
C ALA B 1 -12.76 -16.66 -11.40
N ASP B 2 -12.87 -15.33 -11.54
CA ASP B 2 -11.71 -14.46 -11.80
C ASP B 2 -11.90 -13.25 -10.86
N ILE B 3 -11.53 -13.44 -9.59
CA ILE B 3 -11.84 -12.45 -8.55
C ILE B 3 -10.71 -11.44 -8.46
N VAL B 4 -11.06 -10.16 -8.52
CA VAL B 4 -10.10 -9.06 -8.36
C VAL B 4 -10.69 -8.02 -7.42
N GLY B 5 -9.82 -7.33 -6.70
CA GLY B 5 -10.25 -6.31 -5.76
C GLY B 5 -9.06 -5.70 -5.05
N ALA B 6 -9.37 -4.81 -4.11
CA ALA B 6 -8.34 -4.13 -3.32
C ALA B 6 -8.94 -3.55 -2.06
N ALA B 7 -8.09 -3.41 -1.02
CA ALA B 7 -8.45 -2.77 0.24
C ALA B 7 -7.50 -1.60 0.50
N SER B 8 -7.98 -0.63 1.28
CA SER B 8 -7.13 0.46 1.69
C SER B 8 -6.08 -0.09 2.66
N PRO B 9 -5.09 0.72 3.06
CA PRO B 9 -3.98 0.17 3.82
C PRO B 9 -4.39 -0.50 5.13
N VAL B 10 -3.70 -1.62 5.42
CA VAL B 10 -3.86 -2.33 6.68
C VAL B 10 -3.45 -1.42 7.83
N THR B 11 -4.24 -1.41 8.91
CA THR B 11 -3.96 -0.57 10.07
C THR B 11 -3.49 -1.36 11.30
N ASP B 12 -3.49 -2.69 11.23
CA ASP B 12 -3.19 -3.53 12.38
C ASP B 12 -2.91 -4.93 11.83
N ALA B 13 -1.99 -5.63 12.49
CA ALA B 13 -1.62 -6.97 12.01
C ALA B 13 -2.70 -8.02 12.25
N GLU B 14 -3.72 -7.73 13.06
CA GLU B 14 -4.83 -8.66 13.23
C GLU B 14 -6.17 -8.05 12.89
N LEU B 15 -6.36 -6.77 13.23
CA LEU B 15 -7.61 -6.06 12.98
C LEU B 15 -7.54 -5.42 11.59
N TYR B 16 -7.76 -6.25 10.57
CA TYR B 16 -7.70 -5.81 9.18
C TYR B 16 -8.51 -6.75 8.33
N VAL B 17 -8.82 -6.28 7.11
CA VAL B 17 -9.46 -7.10 6.11
C VAL B 17 -8.62 -7.08 4.84
N ALA B 18 -8.82 -8.16 4.05
CA ALA B 18 -8.24 -8.33 2.73
C ALA B 18 -9.27 -9.07 1.87
N VAL B 19 -9.38 -8.67 0.61
CA VAL B 19 -10.37 -9.27 -0.28
C VAL B 19 -9.70 -10.28 -1.20
N GLY B 20 -10.51 -11.13 -1.82
CA GLY B 20 -10.00 -12.18 -2.65
C GLY B 20 -11.09 -13.20 -2.92
N GLU B 21 -10.73 -14.22 -3.70
CA GLU B 21 -11.66 -15.30 -3.97
C GLU B 21 -11.93 -16.05 -2.68
N SER B 22 -13.20 -16.33 -2.41
CA SER B 22 -13.56 -17.03 -1.17
C SER B 22 -13.01 -18.45 -1.20
N GLN B 23 -12.57 -18.91 -0.02
CA GLN B 23 -11.92 -20.21 0.10
C GLN B 23 -12.58 -21.16 1.07
N VAL B 24 -13.56 -20.72 1.85
CA VAL B 24 -14.15 -21.50 2.92
C VAL B 24 -15.41 -22.18 2.41
N ASN B 25 -15.42 -23.50 2.49
CA ASN B 25 -16.64 -24.30 2.35
C ASN B 25 -17.00 -24.77 3.77
N GLY B 26 -17.91 -24.04 4.41
CA GLY B 26 -18.33 -24.40 5.74
C GLY B 26 -19.35 -23.39 6.21
N GLY B 27 -20.32 -23.86 6.98
CA GLY B 27 -21.38 -22.99 7.44
C GLY B 27 -22.08 -22.29 6.29
N PRO B 28 -22.29 -20.99 6.41
CA PRO B 28 -22.92 -20.25 5.32
C PRO B 28 -21.98 -19.95 4.17
N HIS B 29 -20.71 -20.37 4.28
CA HIS B 29 -19.67 -19.95 3.35
C HIS B 29 -19.48 -20.97 2.25
N GLN B 30 -19.29 -20.47 1.05
CA GLN B 30 -19.01 -21.31 -0.11
C GLN B 30 -17.87 -20.69 -0.89
N ALA B 31 -16.95 -21.53 -1.32
CA ALA B 31 -15.74 -21.07 -2.01
C ALA B 31 -16.04 -20.71 -3.47
N GLY B 32 -15.14 -19.89 -4.04
CA GLY B 32 -15.18 -19.56 -5.45
C GLY B 32 -15.91 -18.30 -5.81
N LYS B 33 -16.19 -17.41 -4.86
CA LYS B 33 -16.95 -16.19 -5.11
C LYS B 33 -16.16 -14.97 -4.64
N ALA B 34 -16.67 -13.77 -4.96
CA ALA B 34 -16.04 -12.57 -4.44
C ALA B 34 -16.12 -12.56 -2.92
N GLY B 35 -14.99 -12.35 -2.26
CA GLY B 35 -14.91 -12.60 -0.84
C GLY B 35 -14.04 -11.63 -0.09
N ILE B 36 -14.08 -11.76 1.23
CA ILE B 36 -13.33 -10.94 2.17
C ILE B 36 -12.95 -11.80 3.37
N GLY B 37 -11.75 -11.54 3.92
CA GLY B 37 -11.32 -12.16 5.16
C GLY B 37 -10.91 -11.10 6.17
N VAL B 38 -10.98 -11.49 7.44
CA VAL B 38 -10.59 -10.62 8.56
C VAL B 38 -9.48 -11.31 9.35
N GLY B 39 -8.48 -10.53 9.78
CA GLY B 39 -7.31 -11.10 10.41
C GLY B 39 -7.57 -11.82 11.72
N THR B 40 -8.74 -11.61 12.33
CA THR B 40 -9.08 -12.26 13.58
C THR B 40 -9.72 -13.61 13.41
N VAL B 41 -9.96 -14.06 12.17
CA VAL B 41 -10.58 -15.36 11.92
C VAL B 41 -9.72 -16.06 10.88
N SER B 42 -8.97 -17.09 11.32
CA SER B 42 -8.15 -17.90 10.42
C SER B 42 -7.28 -17.04 9.52
N ASN B 43 -6.63 -16.03 10.11
CA ASN B 43 -5.67 -15.19 9.39
C ASN B 43 -6.23 -14.66 8.06
N ALA B 44 -7.47 -14.18 8.09
CA ALA B 44 -8.11 -13.51 6.96
C ALA B 44 -8.36 -14.47 5.79
N LYS B 45 -8.47 -15.75 6.06
CA LYS B 45 -8.97 -16.63 5.00
C LYS B 45 -10.34 -16.15 4.55
N PRO B 46 -10.55 -15.91 3.26
CA PRO B 46 -11.75 -15.19 2.82
C PRO B 46 -13.00 -16.06 2.66
N VAL B 47 -14.14 -15.44 2.96
CA VAL B 47 -15.46 -16.03 2.75
C VAL B 47 -16.23 -15.15 1.78
N ASP B 48 -17.34 -15.68 1.24
CA ASP B 48 -18.05 -14.98 0.18
C ASP B 48 -19.07 -13.98 0.72
N PHE B 49 -19.10 -12.81 0.08
CA PHE B 49 -20.11 -11.80 0.44
C PHE B 49 -21.51 -12.33 0.22
N GLN B 50 -21.72 -13.12 -0.83
CA GLN B 50 -23.06 -13.64 -1.11
C GLN B 50 -23.66 -14.28 0.14
N GLY B 51 -22.90 -15.17 0.79
CA GLY B 51 -23.41 -15.86 1.97
C GLY B 51 -23.60 -14.95 3.16
N LEU B 52 -22.79 -13.90 3.28
CA LEU B 52 -22.90 -12.98 4.41
C LEU B 52 -24.18 -12.17 4.33
N SER B 53 -24.64 -11.88 3.11
CA SER B 53 -25.84 -11.07 2.92
C SER B 53 -26.99 -11.63 3.73
N LEU B 54 -27.06 -12.94 3.83
CA LEU B 54 -28.18 -13.63 4.44
C LEU B 54 -28.30 -13.35 5.94
N TYR B 55 -27.23 -12.86 6.57
CA TYR B 55 -27.18 -12.57 8.00
C TYR B 55 -27.02 -11.09 8.28
N SER B 56 -27.05 -10.26 7.25
CA SER B 56 -26.81 -8.84 7.39
C SER B 56 -28.15 -8.11 7.43
N GLY B 57 -28.17 -7.02 8.19
CA GLY B 57 -29.28 -6.09 8.12
C GLY B 57 -29.27 -5.34 6.81
N THR B 58 -30.34 -4.57 6.59
CA THR B 58 -30.47 -3.75 5.41
C THR B 58 -30.97 -2.35 5.78
N THR B 59 -30.27 -1.34 5.28
CA THR B 59 -30.69 0.05 5.34
C THR B 59 -30.80 0.52 3.90
N THR B 60 -32.03 0.82 3.44
CA THR B 60 -32.23 1.22 2.07
C THR B 60 -32.24 2.74 2.00
N VAL B 61 -31.32 3.29 1.22
CA VAL B 61 -31.07 4.72 1.13
C VAL B 61 -30.76 5.10 -0.30
N ASN B 62 -31.43 6.13 -0.82
CA ASN B 62 -31.13 6.66 -2.16
C ASN B 62 -31.08 5.54 -3.19
N GLY B 63 -32.02 4.59 -3.09
CA GLY B 63 -32.10 3.47 -4.01
C GLY B 63 -31.02 2.42 -3.83
N THR B 64 -30.28 2.44 -2.72
CA THR B 64 -29.18 1.52 -2.47
C THR B 64 -29.41 0.73 -1.17
N ALA B 65 -29.28 -0.59 -1.25
CA ALA B 65 -29.44 -1.47 -0.09
C ALA B 65 -28.09 -1.66 0.58
N VAL B 66 -27.85 -0.90 1.65
CA VAL B 66 -26.60 -1.03 2.40
C VAL B 66 -26.76 -2.17 3.39
N ARG B 67 -25.86 -3.15 3.30
CA ARG B 67 -25.85 -4.29 4.20
C ARG B 67 -24.91 -4.03 5.36
N THR B 68 -25.31 -4.46 6.55
CA THR B 68 -24.53 -4.25 7.76
C THR B 68 -24.43 -5.59 8.48
N LEU B 69 -23.20 -5.94 8.89
CA LEU B 69 -22.92 -7.21 9.51
C LEU B 69 -22.05 -6.96 10.72
N ALA B 70 -22.48 -7.47 11.87
CA ALA B 70 -21.66 -7.36 13.07
C ALA B 70 -22.15 -8.38 14.10
N MET B 71 -21.22 -8.85 14.93
CA MET B 71 -21.61 -9.68 16.07
C MET B 71 -22.38 -8.84 17.09
N PRO B 72 -23.26 -9.47 17.88
CA PRO B 72 -23.51 -10.92 17.87
C PRO B 72 -24.48 -11.38 16.78
N ILE B 73 -24.25 -12.59 16.29
CA ILE B 73 -25.11 -13.24 15.30
C ILE B 73 -25.45 -14.61 15.85
N THR B 74 -26.75 -14.90 15.97
CA THR B 74 -27.20 -16.18 16.52
C THR B 74 -26.53 -17.34 15.78
N GLY B 75 -25.80 -18.17 16.53
CA GLY B 75 -25.23 -19.38 15.98
C GLY B 75 -23.85 -19.25 15.36
N ALA B 76 -23.23 -18.04 15.42
CA ALA B 76 -21.91 -17.92 14.84
C ALA B 76 -20.86 -18.54 15.77
N PRO B 77 -19.85 -19.22 15.23
CA PRO B 77 -18.89 -19.88 16.11
C PRO B 77 -18.17 -18.85 16.97
N GLY B 78 -17.72 -19.31 18.15
CA GLY B 78 -17.00 -18.43 19.05
C GLY B 78 -15.74 -17.86 18.41
N SER B 79 -15.16 -18.57 17.45
CA SER B 79 -13.99 -18.06 16.75
C SER B 79 -14.27 -16.74 16.03
N HIS B 80 -15.54 -16.41 15.80
CA HIS B 80 -15.94 -15.22 15.06
C HIS B 80 -16.18 -14.02 15.97
N ALA B 81 -15.92 -14.15 17.28
CA ALA B 81 -16.27 -13.08 18.21
C ALA B 81 -15.66 -11.75 17.78
N GLY B 82 -14.45 -11.77 17.22
CA GLY B 82 -13.82 -10.51 16.89
C GLY B 82 -13.86 -10.16 15.42
N MET B 83 -14.92 -10.57 14.70
CA MET B 83 -14.99 -10.33 13.25
C MET B 83 -15.11 -8.84 12.89
N GLY B 84 -15.58 -7.99 13.79
CA GLY B 84 -15.71 -6.58 13.44
C GLY B 84 -17.04 -6.27 12.77
N HIS B 85 -17.07 -5.10 12.16
CA HIS B 85 -18.29 -4.50 11.63
C HIS B 85 -18.12 -4.17 10.15
N PHE B 86 -19.00 -4.72 9.30
CA PHE B 86 -18.94 -4.53 7.86
C PHE B 86 -20.17 -3.74 7.40
N ASN B 87 -19.94 -2.74 6.55
CA ASN B 87 -20.99 -2.13 5.73
C ASN B 87 -20.64 -2.36 4.27
N PHE B 88 -21.56 -2.93 3.50
CA PHE B 88 -21.23 -3.30 2.12
C PHE B 88 -22.46 -3.29 1.22
N VAL B 89 -22.20 -3.17 -0.09
CA VAL B 89 -23.23 -3.02 -1.11
C VAL B 89 -22.92 -3.96 -2.27
N LYS B 90 -23.93 -4.69 -2.72
CA LYS B 90 -23.85 -5.48 -3.93
C LYS B 90 -24.17 -4.58 -5.12
N VAL B 91 -23.35 -4.67 -6.15
CA VAL B 91 -23.46 -3.84 -7.34
C VAL B 91 -24.10 -4.70 -8.44
N GLY B 92 -25.35 -4.39 -8.77
CA GLY B 92 -26.03 -5.08 -9.85
C GLY B 92 -26.43 -6.50 -9.50
N SER B 93 -26.71 -7.27 -10.55
CA SER B 93 -27.17 -8.64 -10.37
C SER B 93 -26.03 -9.63 -10.28
N GLY B 94 -24.79 -9.19 -10.46
CA GLY B 94 -23.64 -10.05 -10.43
C GLY B 94 -22.91 -10.05 -9.10
N ASP B 95 -21.72 -10.66 -9.12
CA ASP B 95 -20.90 -10.90 -7.93
C ASP B 95 -19.86 -9.79 -7.79
N VAL B 96 -20.36 -8.58 -7.53
CA VAL B 96 -19.55 -7.36 -7.42
C VAL B 96 -19.97 -6.60 -6.15
N TRP B 97 -18.99 -6.12 -5.38
CA TRP B 97 -19.22 -5.60 -4.04
C TRP B 97 -18.27 -4.45 -3.71
N PHE B 98 -18.74 -3.52 -2.88
CA PHE B 98 -17.85 -2.54 -2.26
C PHE B 98 -18.31 -2.32 -0.83
N GLY B 99 -17.40 -1.84 0.01
CA GLY B 99 -17.78 -1.64 1.39
C GLY B 99 -16.63 -1.18 2.27
N GLU B 100 -16.94 -1.15 3.56
CA GLU B 100 -16.01 -0.72 4.58
C GLU B 100 -16.07 -1.71 5.73
N TRP B 101 -15.04 -1.65 6.57
CA TRP B 101 -14.92 -2.48 7.74
C TRP B 101 -14.28 -1.67 8.84
N SER B 102 -14.63 -1.98 10.07
CA SER B 102 -13.95 -1.40 11.23
C SER B 102 -14.05 -2.39 12.37
N LYS B 103 -13.24 -2.15 13.40
CA LYS B 103 -13.21 -3.02 14.58
C LYS B 103 -14.53 -2.95 15.35
N ASP B 104 -15.10 -1.76 15.44
CA ASP B 104 -16.16 -1.49 16.40
C ASP B 104 -17.34 -0.71 15.84
N GLY B 105 -17.38 -0.43 14.55
CA GLY B 105 -18.54 0.20 14.00
C GLY B 105 -18.76 1.64 14.50
N ALA B 106 -19.99 2.09 14.29
CA ALA B 106 -20.32 3.49 14.50
C ALA B 106 -20.22 3.88 15.97
N ALA B 107 -20.67 3.02 16.87
CA ALA B 107 -20.64 3.33 18.30
C ALA B 107 -19.23 3.49 18.84
N GLY B 108 -18.26 2.81 18.24
CA GLY B 108 -16.89 2.85 18.70
C GLY B 108 -16.00 3.84 17.97
N GLY B 109 -16.51 4.50 16.94
CA GLY B 109 -15.70 5.44 16.17
C GLY B 109 -14.98 4.86 14.98
N PHE B 110 -15.42 3.70 14.47
CA PHE B 110 -14.88 3.11 13.25
C PHE B 110 -13.36 2.96 13.33
N ASN B 111 -12.89 2.36 14.43
CA ASN B 111 -11.46 2.15 14.57
C ASN B 111 -10.96 1.08 13.61
N ASN B 112 -9.71 1.24 13.20
CA ASN B 112 -9.04 0.32 12.26
C ASN B 112 -9.79 0.23 10.94
N ARG B 113 -10.34 1.35 10.50
CA ARG B 113 -11.22 1.34 9.35
C ARG B 113 -10.46 1.09 8.05
N GLN B 114 -11.07 0.29 7.18
CA GLN B 114 -10.60 0.10 5.82
C GLN B 114 -11.80 0.13 4.87
N VAL B 115 -11.51 0.46 3.62
CA VAL B 115 -12.48 0.41 2.53
C VAL B 115 -11.98 -0.62 1.52
N TYR B 116 -12.89 -1.14 0.71
CA TYR B 116 -12.53 -2.23 -0.19
C TYR B 116 -13.55 -2.33 -1.30
N PHE B 117 -13.11 -2.94 -2.41
CA PHE B 117 -14.01 -3.45 -3.43
C PHE B 117 -13.50 -4.81 -3.88
N VAL B 118 -14.40 -5.64 -4.40
CA VAL B 118 -14.03 -6.96 -4.90
C VAL B 118 -15.16 -7.47 -5.78
N GLY B 119 -14.80 -8.14 -6.88
CA GLY B 119 -15.82 -8.71 -7.73
C GLY B 119 -15.28 -9.76 -8.67
N ASP B 120 -16.20 -10.51 -9.25
CA ASP B 120 -15.88 -11.54 -10.24
C ASP B 120 -15.78 -10.85 -11.59
N ARG B 121 -14.57 -10.81 -12.14
CA ARG B 121 -14.26 -10.17 -13.40
C ARG B 121 -14.63 -11.01 -14.61
N THR B 122 -15.04 -12.26 -14.41
CA THR B 122 -15.33 -13.15 -15.53
C THR B 122 -16.28 -12.47 -16.51
N GLY B 123 -15.92 -12.53 -17.79
CA GLY B 123 -16.75 -12.00 -18.85
C GLY B 123 -16.69 -10.50 -19.03
N THR B 124 -15.82 -9.80 -18.32
CA THR B 124 -15.72 -8.36 -18.46
C THR B 124 -15.13 -7.99 -19.81
N THR B 125 -15.76 -7.02 -20.47
CA THR B 125 -15.24 -6.41 -21.67
C THR B 125 -15.54 -4.92 -21.59
N LEU B 126 -14.88 -4.13 -22.44
CA LEU B 126 -15.16 -2.71 -22.54
C LEU B 126 -15.90 -2.40 -23.82
N PRO B 127 -16.98 -1.62 -23.78
CA PRO B 127 -17.69 -1.26 -25.01
C PRO B 127 -17.01 -0.08 -25.68
N ALA B 128 -17.46 0.21 -26.89
CA ALA B 128 -17.06 1.43 -27.57
C ALA B 128 -17.84 2.63 -27.04
N GLY B 129 -17.30 3.82 -27.29
CA GLY B 129 -18.01 5.06 -27.04
C GLY B 129 -17.98 5.52 -25.60
N VAL B 130 -19.11 6.05 -25.11
CA VAL B 130 -19.20 6.67 -23.79
C VAL B 130 -20.35 6.06 -23.02
N ALA B 131 -20.30 6.20 -21.70
CA ALA B 131 -21.36 5.74 -20.81
C ALA B 131 -21.29 6.50 -19.51
N THR B 132 -22.41 6.50 -18.77
CA THR B 132 -22.42 7.06 -17.42
C THR B 132 -22.95 6.02 -16.44
N TYR B 133 -22.58 6.20 -15.17
CA TYR B 133 -22.84 5.25 -14.10
C TYR B 133 -23.45 6.01 -12.92
N SER B 134 -24.51 5.44 -12.35
CA SER B 134 -25.04 5.89 -11.06
C SER B 134 -24.25 5.19 -9.98
N VAL B 135 -23.49 5.96 -9.21
CA VAL B 135 -22.52 5.41 -8.28
C VAL B 135 -22.92 5.80 -6.87
N ALA B 136 -22.75 4.88 -5.94
CA ALA B 136 -22.93 5.12 -4.51
C ALA B 136 -21.61 4.88 -3.80
N GLY B 137 -21.48 5.49 -2.63
CA GLY B 137 -20.26 5.41 -1.85
C GLY B 137 -20.53 5.33 -0.36
N LEU B 138 -19.58 4.70 0.34
CA LEU B 138 -19.66 4.50 1.78
C LEU B 138 -18.42 5.09 2.46
N ASN B 139 -18.67 5.96 3.45
CA ASN B 139 -17.64 6.44 4.35
C ASN B 139 -18.28 6.62 5.72
N LYS B 140 -17.94 5.75 6.66
CA LYS B 140 -18.44 5.78 8.02
C LYS B 140 -19.96 5.91 8.06
N PHE B 141 -20.60 4.93 7.44
CA PHE B 141 -22.05 4.94 7.28
C PHE B 141 -22.76 5.01 8.63
N ASN B 142 -23.72 5.93 8.74
CA ASN B 142 -24.51 6.13 9.95
C ASN B 142 -26.00 5.92 9.71
N GLY B 143 -26.37 5.35 8.57
CA GLY B 143 -27.75 5.15 8.24
C GLY B 143 -28.33 6.17 7.28
N SER B 144 -27.74 7.36 7.19
CA SER B 144 -28.29 8.43 6.35
C SER B 144 -27.23 9.30 5.67
N ASN B 145 -26.01 8.80 5.47
CA ASN B 145 -24.92 9.60 4.90
C ASN B 145 -24.22 8.87 3.77
N LEU B 146 -24.99 8.09 3.00
CA LEU B 146 -24.49 7.49 1.79
C LEU B 146 -24.09 8.58 0.81
N LEU B 147 -22.99 8.35 0.09
CA LEU B 147 -22.61 9.24 -1.00
C LEU B 147 -23.20 8.74 -2.31
N SER B 148 -23.50 9.69 -3.20
CA SER B 148 -24.09 9.41 -4.50
C SER B 148 -23.52 10.36 -5.54
N GLY B 149 -23.49 9.90 -6.78
CA GLY B 149 -23.06 10.76 -7.86
C GLY B 149 -23.07 10.01 -9.16
N THR B 150 -22.50 10.65 -10.16
CA THR B 150 -22.46 10.14 -11.52
C THR B 150 -21.01 10.06 -11.95
N PHE B 151 -20.62 8.92 -12.51
CA PHE B 151 -19.33 8.77 -13.15
C PHE B 151 -19.54 8.74 -14.66
N ARG B 152 -18.63 9.36 -15.39
CA ARG B 152 -18.67 9.46 -16.84
C ARG B 152 -17.47 8.72 -17.41
N ALA B 153 -17.73 7.74 -18.27
CA ALA B 153 -16.69 6.93 -18.88
C ALA B 153 -16.60 7.24 -20.36
N ASN B 154 -15.39 7.57 -20.83
CA ASN B 154 -15.13 7.70 -22.25
C ASN B 154 -14.17 6.56 -22.61
N PHE B 155 -14.71 5.50 -23.19
CA PHE B 155 -13.88 4.34 -23.48
C PHE B 155 -12.99 4.58 -24.69
N GLY B 156 -13.42 5.43 -25.61
CA GLY B 156 -12.58 5.74 -26.74
C GLY B 156 -11.35 6.51 -26.33
N SER B 157 -11.49 7.40 -25.36
CA SER B 157 -10.39 8.22 -24.88
C SER B 157 -9.75 7.64 -23.63
N GLY B 158 -10.39 6.64 -23.00
CA GLY B 158 -9.83 5.95 -21.86
C GLY B 158 -9.89 6.73 -20.57
N THR B 159 -10.96 7.48 -20.35
CA THR B 159 -11.08 8.34 -19.18
C THR B 159 -12.32 7.99 -18.37
N LEU B 160 -12.19 8.14 -17.06
CA LEU B 160 -13.29 7.92 -16.12
C LEU B 160 -13.26 9.07 -15.13
N GLN B 161 -14.34 9.87 -15.10
CA GLN B 161 -14.39 11.07 -14.28
C GLN B 161 -15.76 11.17 -13.62
N GLY B 162 -15.78 11.68 -12.39
CA GLY B 162 -17.04 11.81 -11.69
C GLY B 162 -16.82 12.26 -10.26
N GLY B 163 -17.94 12.32 -9.54
CA GLY B 163 -17.90 12.80 -8.17
C GLY B 163 -18.96 12.09 -7.36
N LEU B 164 -18.75 12.08 -6.04
CA LEU B 164 -19.68 11.51 -5.08
C LEU B 164 -19.88 12.52 -3.98
N THR B 165 -21.13 12.69 -3.54
CA THR B 165 -21.41 13.57 -2.41
C THR B 165 -22.41 12.91 -1.48
N GLY B 166 -22.23 13.18 -0.18
CA GLY B 166 -23.14 12.73 0.85
C GLY B 166 -22.61 13.01 2.23
N GLY B 167 -23.49 13.30 3.18
CA GLY B 167 -23.13 13.54 4.57
C GLY B 167 -22.06 14.60 4.77
N GLY B 168 -22.05 15.64 3.92
CA GLY B 168 -21.07 16.68 4.02
C GLY B 168 -19.71 16.35 3.44
N LEU B 169 -19.58 15.23 2.73
CA LEU B 169 -18.32 14.82 2.12
C LEU B 169 -18.46 14.83 0.62
N SER B 170 -17.44 15.32 -0.07
CA SER B 170 -17.38 15.29 -1.52
C SER B 170 -16.07 14.64 -1.95
N VAL B 171 -16.15 13.64 -2.82
CA VAL B 171 -14.98 12.95 -3.38
C VAL B 171 -15.10 13.01 -4.90
N ASN B 172 -14.10 13.58 -5.54
CA ASN B 172 -14.04 13.60 -7.00
C ASN B 172 -12.93 12.67 -7.44
N VAL B 173 -13.14 12.03 -8.60
CA VAL B 173 -12.16 11.10 -9.17
C VAL B 173 -11.85 11.51 -10.60
N ASN B 174 -10.61 11.24 -11.00
CA ASN B 174 -10.15 11.53 -12.35
C ASN B 174 -9.19 10.38 -12.69
N ALA B 175 -9.66 9.43 -13.49
CA ALA B 175 -8.94 8.18 -13.70
C ALA B 175 -8.76 7.88 -15.18
N SER B 176 -7.78 7.03 -15.43
CA SER B 176 -7.50 6.45 -16.73
C SER B 176 -7.92 4.99 -16.74
N ILE B 177 -8.51 4.57 -17.85
CA ILE B 177 -8.99 3.20 -18.03
C ILE B 177 -7.87 2.40 -18.70
N ASN B 178 -7.61 1.21 -18.16
CA ASN B 178 -6.59 0.31 -18.68
C ASN B 178 -7.25 -0.71 -19.58
N SER B 179 -6.98 -0.63 -20.89
CA SER B 179 -7.64 -1.56 -21.81
C SER B 179 -7.06 -2.98 -21.71
N ALA B 180 -5.97 -3.18 -20.97
CA ALA B 180 -5.44 -4.53 -20.79
C ALA B 180 -6.29 -5.35 -19.84
N ASN B 181 -6.94 -4.72 -18.85
CA ASN B 181 -7.72 -5.49 -17.89
C ASN B 181 -9.03 -4.83 -17.43
N ALA B 182 -9.40 -3.69 -18.01
CA ALA B 182 -10.64 -2.97 -17.69
C ALA B 182 -10.62 -2.40 -16.27
N SER B 183 -9.45 -2.30 -15.66
CA SER B 183 -9.30 -1.54 -14.43
C SER B 183 -9.20 -0.05 -14.76
N PHE B 184 -9.29 0.78 -13.72
CA PHE B 184 -9.01 2.19 -13.87
C PHE B 184 -8.31 2.71 -12.63
N ALA B 185 -7.54 3.79 -12.82
CA ALA B 185 -6.79 4.35 -11.72
C ALA B 185 -6.39 5.78 -12.05
N GLY B 186 -6.28 6.59 -11.00
CA GLY B 186 -5.87 7.96 -11.14
C GLY B 186 -5.92 8.69 -9.82
N SER B 187 -6.27 9.98 -9.88
CA SER B 187 -6.31 10.82 -8.71
C SER B 187 -7.71 10.82 -8.08
N ALA B 188 -7.74 11.22 -6.82
CA ALA B 188 -8.98 11.53 -6.13
C ALA B 188 -8.75 12.78 -5.31
N THR B 189 -9.82 13.52 -5.05
CA THR B 189 -9.75 14.73 -4.24
C THR B 189 -10.94 14.75 -3.32
N ALA B 190 -10.69 15.01 -2.04
CA ALA B 190 -11.77 15.07 -1.06
C ALA B 190 -11.98 16.51 -0.63
N ASN B 191 -13.24 16.95 -0.66
CA ASN B 191 -13.62 18.30 -0.23
C ASN B 191 -12.76 19.37 -0.90
N GLY B 192 -12.41 19.12 -2.16
CA GLY B 192 -11.65 20.05 -2.96
C GLY B 192 -10.24 20.31 -2.49
N THR B 193 -9.79 19.67 -1.41
CA THR B 193 -8.60 20.12 -0.71
C THR B 193 -7.60 18.99 -0.45
N VAL B 194 -8.10 17.77 -0.31
CA VAL B 194 -7.28 16.64 0.13
C VAL B 194 -6.99 15.75 -1.08
N ALA B 195 -5.70 15.59 -1.38
CA ALA B 195 -5.26 14.82 -2.54
C ALA B 195 -5.18 13.33 -2.21
N GLY B 196 -5.61 12.53 -3.15
CA GLY B 196 -5.59 11.10 -2.97
C GLY B 196 -5.50 10.39 -4.29
N THR B 197 -5.85 9.11 -4.27
CA THR B 197 -5.83 8.25 -5.44
C THR B 197 -7.17 7.54 -5.59
N THR B 198 -7.41 7.10 -6.81
CA THR B 198 -8.55 6.27 -7.15
C THR B 198 -8.02 4.97 -7.73
N GLN B 199 -8.64 3.84 -7.33
CA GLN B 199 -8.41 2.54 -7.97
C GLN B 199 -9.77 1.90 -8.17
N GLY B 200 -10.00 1.28 -9.31
CA GLY B 200 -11.25 0.57 -9.47
C GLY B 200 -11.23 -0.38 -10.64
N GLN B 201 -12.43 -0.87 -11.00
CA GLN B 201 -12.54 -1.96 -11.96
C GLN B 201 -13.94 -1.93 -12.55
N PHE B 202 -14.03 -2.03 -13.88
CA PHE B 202 -15.29 -2.31 -14.53
C PHE B 202 -15.54 -3.80 -14.50
N PHE B 203 -16.81 -4.20 -14.34
CA PHE B 203 -17.18 -5.61 -14.30
C PHE B 203 -18.32 -5.86 -15.28
N GLY B 204 -18.33 -7.06 -15.83
CA GLY B 204 -19.39 -7.51 -16.70
C GLY B 204 -19.17 -7.13 -18.16
N ALA B 205 -19.88 -7.84 -19.03
CA ALA B 205 -19.77 -7.54 -20.45
C ALA B 205 -20.17 -6.10 -20.70
N ASN B 206 -19.41 -5.45 -21.57
CA ASN B 206 -19.67 -4.07 -21.94
C ASN B 206 -19.70 -3.15 -20.74
N ALA B 207 -18.89 -3.45 -19.72
CA ALA B 207 -18.71 -2.60 -18.55
C ALA B 207 -20.03 -2.28 -17.87
N ALA B 208 -20.82 -3.34 -17.60
CA ALA B 208 -22.14 -3.19 -16.99
C ALA B 208 -22.09 -2.51 -15.63
N THR B 209 -20.99 -2.68 -14.88
CA THR B 209 -20.88 -2.10 -13.55
C THR B 209 -19.44 -1.67 -13.30
N LEU B 210 -19.25 -0.96 -12.19
CA LEU B 210 -17.92 -0.60 -11.72
C LEU B 210 -17.91 -0.56 -10.20
N ALA B 211 -16.72 -0.76 -9.63
CA ALA B 211 -16.52 -0.60 -8.20
C ALA B 211 -15.08 -0.12 -8.00
N GLY B 212 -14.82 0.48 -6.85
CA GLY B 212 -13.50 1.01 -6.57
C GLY B 212 -13.39 1.61 -5.19
N ILE B 213 -12.19 2.11 -4.89
CA ILE B 213 -11.93 2.83 -3.65
C ILE B 213 -11.17 4.12 -3.98
N ALA B 214 -11.43 5.14 -3.18
CA ALA B 214 -10.65 6.37 -3.18
C ALA B 214 -9.97 6.45 -1.82
N THR B 215 -8.64 6.60 -1.83
CA THR B 215 -7.87 6.62 -0.61
C THR B 215 -6.95 7.83 -0.58
N PHE B 216 -6.63 8.27 0.62
CA PHE B 216 -5.93 9.55 0.84
C PHE B 216 -4.81 9.33 1.87
N ALA B 217 -3.58 9.27 1.38
CA ALA B 217 -2.45 8.97 2.23
C ALA B 217 -2.25 10.08 3.28
N GLY B 218 -2.16 9.68 4.54
CA GLY B 218 -2.07 10.67 5.61
C GLY B 218 -3.40 11.29 5.99
N ASN B 219 -4.49 10.92 5.32
CA ASN B 219 -5.80 11.48 5.60
C ASN B 219 -6.86 10.41 5.40
N SER B 220 -6.68 9.25 6.03
CA SER B 220 -7.47 8.07 5.73
C SER B 220 -8.91 8.19 6.20
N GLN B 221 -9.25 9.22 6.98
CA GLN B 221 -10.63 9.45 7.35
C GLN B 221 -11.52 9.70 6.14
N TYR B 222 -10.95 10.16 5.03
CA TYR B 222 -11.73 10.41 3.81
C TYR B 222 -11.84 9.19 2.90
N ASP B 223 -11.17 8.08 3.21
CA ASP B 223 -11.18 6.92 2.33
C ASP B 223 -12.61 6.40 2.12
N THR B 224 -12.96 6.13 0.87
CA THR B 224 -14.34 5.87 0.48
C THR B 224 -14.40 4.72 -0.51
N ALA B 225 -15.30 3.77 -0.26
CA ALA B 225 -15.59 2.70 -1.20
C ALA B 225 -16.79 3.11 -2.05
N PHE B 226 -16.79 2.67 -3.31
CA PHE B 226 -17.87 3.06 -4.21
C PHE B 226 -18.14 2.00 -5.25
N GLY B 227 -19.33 2.09 -5.85
CA GLY B 227 -19.70 1.20 -6.94
C GLY B 227 -21.03 1.59 -7.52
N GLY B 228 -21.26 1.13 -8.76
CA GLY B 228 -22.53 1.42 -9.40
C GLY B 228 -22.67 0.74 -10.75
N SER B 229 -23.87 0.90 -11.31
CA SER B 229 -24.29 0.29 -12.56
C SER B 229 -24.38 1.33 -13.67
N LYS B 230 -24.15 0.87 -14.90
CA LYS B 230 -24.26 1.74 -16.05
C LYS B 230 -25.70 2.21 -16.26
N ASN B 231 -25.82 3.50 -16.60
CA ASN B 231 -27.11 4.14 -16.76
C ASN B 231 -27.79 3.74 -18.06
N GLU B 232 -29.07 3.40 -17.93
CA GLU B 232 -29.97 3.15 -19.04
C GLU B 232 -29.40 2.21 -20.07
#